data_3NZH
#
_entry.id   3NZH
#
_cell.length_a   96.530
_cell.length_b   129.740
_cell.length_c   42.390
_cell.angle_alpha   90.00
_cell.angle_beta   109.52
_cell.angle_gamma   90.00
#
_symmetry.space_group_name_H-M   'C 1 2 1'
#
loop_
_entity.id
_entity.type
_entity.pdbx_description
1 polymer '5F6 LIGHT CHAIN'
2 polymer '5F6 HEAVY CHAIN'
3 non-polymer GLYCEROL
4 non-polymer 'COBALT (II) ION'
5 water water
#
loop_
_entity_poly.entity_id
_entity_poly.type
_entity_poly.pdbx_seq_one_letter_code
_entity_poly.pdbx_strand_id
1 'polypeptide(L)'
;SIVMTQTPKFLLVSAGDRVTITCKASQSVSNDVAWYQQKPGQSPKLLIYYASNRYTGVPDRFTGSGYGTDFTFTISTVQA
EDLAVYFCQQDYSSPYTFGGGTKLEIKRTVAAPSVFIFPPSDEQLKSGTASVVCLLNNFYPREAKVQWKVDNALQSGNSQ
ESVTEQDSKDSTYSLSSTLTLSKADYEKHKVYACEVTHQGLSSPVTKSFNRGEC
;
L
2 'polypeptide(L)'
;SEMKLEESGGGLVQPGGSMKLSCVASGFTFSNYWMNWVRQSPEKGLEWVAQIRLKSYNYATHYAESVKGRFTISRDDSKS
SVYLQMNNLRAEDTGIYYCTPDGSDYWGQGTTLTVSSASTKGPSVFPLAPSSKSTSGGTAALGCLVKDYFPEPVTVSWNS
GALTSGVHTFPAVLQSSGLYSLSSVVTVPSSSLGTQTYICNVNHKPSNTKVDKKVEPKSCHHHHHH
;
H
#
loop_
_chem_comp.id
_chem_comp.type
_chem_comp.name
_chem_comp.formula
CO non-polymer 'COBALT (II) ION' 'Co 2'
GOL non-polymer GLYCEROL 'C3 H8 O3'
#
# COMPACT_ATOMS: atom_id res chain seq x y z
N SER A 1 -28.46 4.85 -10.50
CA SER A 1 -27.31 4.05 -11.01
C SER A 1 -27.30 2.62 -10.46
N ILE A 2 -26.56 1.74 -11.13
CA ILE A 2 -26.56 0.30 -10.85
C ILE A 2 -25.60 -0.06 -9.73
N VAL A 3 -26.12 -0.71 -8.69
CA VAL A 3 -25.28 -1.16 -7.57
C VAL A 3 -24.76 -2.56 -7.86
N MET A 4 -23.45 -2.71 -7.75
CA MET A 4 -22.82 -4.03 -7.86
C MET A 4 -22.45 -4.49 -6.45
N THR A 5 -23.13 -5.54 -5.98
CA THR A 5 -22.96 -6.05 -4.61
C THR A 5 -22.04 -7.26 -4.64
N GLN A 6 -20.83 -7.08 -4.12
CA GLN A 6 -19.77 -8.10 -4.22
C GLN A 6 -19.56 -8.81 -2.92
N THR A 7 -19.61 -10.14 -2.97
CA THR A 7 -19.47 -10.99 -1.77
C THR A 7 -18.57 -12.21 -2.06
N PRO A 8 -17.81 -12.70 -1.06
CA PRO A 8 -17.63 -12.14 0.30
C PRO A 8 -16.70 -10.93 0.26
N LYS A 9 -16.66 -10.16 1.35
CA LYS A 9 -15.69 -9.06 1.46
C LYS A 9 -14.30 -9.61 1.72
N PHE A 10 -14.25 -10.80 2.31
CA PHE A 10 -13.00 -11.42 2.72
C PHE A 10 -13.07 -12.94 2.51
N LEU A 11 -11.93 -13.54 2.17
CA LEU A 11 -11.86 -14.98 1.89
C LEU A 11 -10.52 -15.54 2.38
N LEU A 12 -10.54 -16.60 3.19
CA LEU A 12 -9.31 -17.23 3.67
C LEU A 12 -9.17 -18.58 2.98
N VAL A 13 -8.11 -18.74 2.19
CA VAL A 13 -7.95 -19.91 1.31
C VAL A 13 -6.58 -20.52 1.47
N SER A 14 -6.51 -21.84 1.53
CA SER A 14 -5.22 -22.52 1.46
C SER A 14 -4.81 -22.55 0.00
N ALA A 15 -3.50 -22.56 -0.24
CA ALA A 15 -3.00 -22.67 -1.59
C ALA A 15 -3.45 -24.01 -2.15
N GLY A 16 -3.80 -24.02 -3.43
CA GLY A 16 -4.34 -25.20 -4.07
C GLY A 16 -5.86 -25.18 -4.04
N ASP A 17 -6.46 -24.50 -3.06
CA ASP A 17 -7.91 -24.47 -2.92
C ASP A 17 -8.58 -23.53 -3.91
N ARG A 18 -9.92 -23.55 -3.94
CA ARG A 18 -10.73 -22.74 -4.84
C ARG A 18 -11.29 -21.52 -4.15
N VAL A 19 -11.39 -20.46 -4.93
CA VAL A 19 -11.94 -19.18 -4.55
C VAL A 19 -13.17 -18.96 -5.44
N THR A 20 -14.30 -18.62 -4.85
CA THR A 20 -15.47 -18.21 -5.63
C THR A 20 -15.97 -16.87 -5.12
N ILE A 21 -15.96 -15.88 -6.00
CA ILE A 21 -16.45 -14.53 -5.68
C ILE A 21 -17.72 -14.22 -6.49
N THR A 22 -18.67 -13.52 -5.86
CA THR A 22 -19.98 -13.25 -6.49
C THR A 22 -20.27 -11.75 -6.55
N CYS A 23 -20.84 -11.31 -7.68
CA CYS A 23 -21.37 -9.95 -7.81
C CYS A 23 -22.79 -10.00 -8.32
N LYS A 24 -23.66 -9.21 -7.71
CA LYS A 24 -25.06 -9.16 -8.09
C LYS A 24 -25.48 -7.74 -8.40
N ALA A 25 -25.96 -7.55 -9.63
CA ALA A 25 -26.29 -6.24 -10.14
C ALA A 25 -27.72 -5.90 -9.77
N SER A 26 -27.91 -4.67 -9.32
CA SER A 26 -29.24 -4.21 -8.87
C SER A 26 -30.27 -4.16 -10.01
N GLN A 27 -29.81 -4.32 -11.25
CA GLN A 27 -30.66 -4.49 -12.44
C GLN A 27 -29.85 -5.22 -13.52
N SER A 28 -30.48 -5.70 -14.59
CA SER A 28 -29.77 -6.48 -15.62
C SER A 28 -28.63 -5.71 -16.28
N VAL A 29 -27.49 -6.37 -16.44
CA VAL A 29 -26.34 -5.75 -17.09
C VAL A 29 -25.80 -6.63 -18.21
N SER A 30 -26.66 -7.53 -18.71
CA SER A 30 -26.35 -8.37 -19.86
C SER A 30 -25.07 -9.10 -19.48
N ASN A 31 -24.06 -9.10 -20.32
CA ASN A 31 -22.80 -9.71 -19.88
C ASN A 31 -21.62 -8.74 -19.75
N ASP A 32 -21.94 -7.47 -19.49
CA ASP A 32 -20.93 -6.42 -19.45
C ASP A 32 -20.34 -6.29 -18.06
N VAL A 33 -19.75 -7.40 -17.62
CA VAL A 33 -19.09 -7.47 -16.33
C VAL A 33 -17.65 -7.88 -16.56
N ALA A 34 -16.73 -7.16 -15.92
CA ALA A 34 -15.31 -7.48 -15.95
C ALA A 34 -14.83 -7.73 -14.51
N TRP A 35 -13.79 -8.54 -14.39
CA TRP A 35 -13.15 -8.81 -13.11
C TRP A 35 -11.68 -8.39 -13.16
N TYR A 36 -11.27 -7.65 -12.13
CA TYR A 36 -9.89 -7.13 -11.96
C TYR A 36 -9.17 -7.72 -10.74
N GLN A 37 -7.86 -7.79 -10.88
CA GLN A 37 -6.98 -8.19 -9.81
C GLN A 37 -6.08 -6.99 -9.45
N GLN A 38 -6.01 -6.65 -8.17
CA GLN A 38 -5.11 -5.58 -7.74
C GLN A 38 -4.23 -6.07 -6.58
N LYS A 39 -2.97 -6.33 -6.91
CA LYS A 39 -1.99 -6.77 -5.93
C LYS A 39 -1.50 -5.57 -5.11
N PRO A 40 -0.98 -5.81 -3.88
CA PRO A 40 -0.61 -4.66 -3.05
C PRO A 40 0.41 -3.74 -3.75
N GLY A 41 0.17 -2.43 -3.66
CA GLY A 41 1.02 -1.43 -4.30
C GLY A 41 0.91 -1.34 -5.81
N GLN A 42 -0.03 -2.07 -6.42
CA GLN A 42 -0.13 -2.10 -7.88
C GLN A 42 -1.49 -1.59 -8.35
N SER A 43 -1.55 -1.29 -9.64
CA SER A 43 -2.79 -0.85 -10.25
C SER A 43 -3.61 -2.09 -10.60
N PRO A 44 -4.95 -1.96 -10.79
CA PRO A 44 -5.74 -3.11 -11.21
C PRO A 44 -5.25 -3.73 -12.52
N LYS A 45 -5.48 -5.03 -12.66
CA LYS A 45 -5.10 -5.81 -13.84
C LYS A 45 -6.39 -6.55 -14.28
N LEU A 46 -6.76 -6.42 -15.55
CA LEU A 46 -7.94 -7.07 -16.12
C LEU A 46 -7.73 -8.59 -16.22
N LEU A 47 -8.68 -9.36 -15.68
CA LEU A 47 -8.62 -10.82 -15.71
C LEU A 47 -9.66 -11.49 -16.62
N ILE A 48 -10.89 -11.03 -16.52
CA ILE A 48 -12.04 -11.64 -17.23
C ILE A 48 -12.89 -10.52 -17.80
N TYR A 49 -13.39 -10.67 -19.02
CA TYR A 49 -14.25 -9.63 -19.62
C TYR A 49 -15.52 -10.24 -20.28
N TYR A 50 -16.51 -9.42 -20.61
CA TYR A 50 -17.84 -9.96 -20.93
C TYR A 50 -18.15 -11.18 -20.06
N ALA A 51 -17.92 -11.04 -18.75
CA ALA A 51 -18.30 -12.03 -17.74
C ALA A 51 -17.61 -13.40 -17.69
N SER A 52 -17.07 -13.87 -18.81
CA SER A 52 -16.63 -15.25 -18.93
C SER A 52 -15.37 -15.45 -19.81
N ASN A 53 -14.95 -14.43 -20.54
CA ASN A 53 -13.71 -14.50 -21.38
C ASN A 53 -12.47 -14.11 -20.59
N ARG A 54 -11.44 -14.93 -20.64
CA ARG A 54 -10.26 -14.55 -19.88
C ARG A 54 -9.29 -13.76 -20.74
N TYR A 55 -8.73 -12.73 -20.12
CA TYR A 55 -7.97 -11.77 -20.86
C TYR A 55 -6.66 -12.42 -21.32
N THR A 56 -6.00 -11.76 -22.25
CA THR A 56 -4.71 -12.17 -22.81
C THR A 56 -3.64 -12.33 -21.74
N GLY A 57 -2.99 -13.50 -21.72
CA GLY A 57 -1.92 -13.77 -20.79
C GLY A 57 -2.39 -14.29 -19.44
N VAL A 58 -3.69 -14.19 -19.12
CA VAL A 58 -4.14 -14.75 -17.82
C VAL A 58 -4.24 -16.29 -17.78
N PRO A 59 -3.65 -16.91 -16.74
CA PRO A 59 -3.61 -18.38 -16.58
C PRO A 59 -4.99 -18.99 -16.49
N ASP A 60 -5.09 -20.29 -16.81
CA ASP A 60 -6.34 -21.04 -16.89
C ASP A 60 -7.11 -21.18 -15.58
N ARG A 61 -6.42 -21.06 -14.46
CA ARG A 61 -7.07 -21.19 -13.15
C ARG A 61 -8.14 -20.12 -12.94
N PHE A 62 -8.09 -19.07 -13.75
CA PHE A 62 -9.01 -17.95 -13.64
C PHE A 62 -10.19 -18.13 -14.59
N THR A 63 -11.39 -18.21 -14.02
CA THR A 63 -12.62 -18.23 -14.81
C THR A 63 -13.65 -17.25 -14.27
N GLY A 64 -14.67 -16.99 -15.07
CA GLY A 64 -15.87 -16.28 -14.64
C GLY A 64 -17.08 -16.78 -15.40
N SER A 65 -18.26 -16.56 -14.85
CA SER A 65 -19.50 -16.84 -15.58
C SER A 65 -20.64 -15.97 -15.08
N GLY A 66 -21.70 -15.88 -15.90
CA GLY A 66 -22.89 -15.15 -15.50
C GLY A 66 -23.50 -14.32 -16.60
N TYR A 67 -24.75 -13.93 -16.39
CA TYR A 67 -25.50 -13.06 -17.30
C TYR A 67 -26.62 -12.40 -16.50
N GLY A 68 -27.01 -11.19 -16.87
CA GLY A 68 -28.15 -10.54 -16.24
C GLY A 68 -27.82 -9.82 -14.95
N THR A 69 -27.99 -10.54 -13.83
CA THR A 69 -27.76 -9.95 -12.49
C THR A 69 -26.69 -10.68 -11.70
N ASP A 70 -26.51 -11.97 -12.00
CA ASP A 70 -25.69 -12.86 -11.18
C ASP A 70 -24.40 -13.30 -11.82
N PHE A 71 -23.30 -12.92 -11.20
CA PHE A 71 -21.98 -13.12 -11.80
C PHE A 71 -21.04 -13.71 -10.77
N THR A 72 -20.25 -14.68 -11.21
CA THR A 72 -19.23 -15.23 -10.33
C THR A 72 -17.85 -15.28 -11.02
N PHE A 73 -16.81 -15.28 -10.19
CA PHE A 73 -15.40 -15.30 -10.62
C PHE A 73 -14.71 -16.35 -9.79
N THR A 74 -13.91 -17.19 -10.45
CA THR A 74 -13.29 -18.33 -9.79
C THR A 74 -11.79 -18.36 -9.99
N ILE A 75 -11.07 -18.66 -8.92
CA ILE A 75 -9.68 -19.11 -9.05
C ILE A 75 -9.71 -20.57 -8.61
N SER A 76 -9.46 -21.48 -9.56
CA SER A 76 -9.63 -22.91 -9.34
C SER A 76 -8.65 -23.49 -8.32
N THR A 77 -7.38 -23.11 -8.46
CA THR A 77 -6.33 -23.56 -7.58
C THR A 77 -5.47 -22.33 -7.26
N VAL A 78 -5.77 -21.70 -6.13
CA VAL A 78 -5.14 -20.43 -5.78
C VAL A 78 -3.65 -20.62 -5.47
N GLN A 79 -2.85 -19.70 -6.00
CA GLN A 79 -1.40 -19.73 -5.78
C GLN A 79 -1.03 -18.56 -4.88
N ALA A 80 0.10 -18.66 -4.20
CA ALA A 80 0.57 -17.57 -3.34
C ALA A 80 0.63 -16.24 -4.08
N GLU A 81 1.00 -16.28 -5.37
CA GLU A 81 1.06 -15.06 -6.19
C GLU A 81 -0.32 -14.44 -6.52
N ASP A 82 -1.41 -15.13 -6.16
CA ASP A 82 -2.78 -14.61 -6.37
C ASP A 82 -3.32 -13.72 -5.23
N LEU A 83 -2.50 -13.57 -4.20
CA LEU A 83 -2.72 -12.59 -3.13
C LEU A 83 -3.00 -11.20 -3.71
N ALA A 84 -4.21 -10.70 -3.46
CA ALA A 84 -4.69 -9.44 -4.06
C ALA A 84 -6.09 -9.15 -3.55
N VAL A 85 -6.59 -7.98 -3.89
CA VAL A 85 -8.03 -7.71 -3.78
C VAL A 85 -8.60 -7.86 -5.18
N TYR A 86 -9.77 -8.47 -5.28
CA TYR A 86 -10.40 -8.66 -6.58
C TYR A 86 -11.66 -7.79 -6.65
N PHE A 87 -11.94 -7.19 -7.81
CA PHE A 87 -13.12 -6.35 -8.00
C PHE A 87 -13.86 -6.75 -9.27
N CYS A 88 -15.20 -6.74 -9.23
CA CYS A 88 -16.03 -6.75 -10.45
C CYS A 88 -16.40 -5.31 -10.86
N GLN A 89 -16.84 -5.14 -12.10
CA GLN A 89 -17.25 -3.82 -12.61
C GLN A 89 -18.29 -3.99 -13.69
N GLN A 90 -19.28 -3.11 -13.67
CA GLN A 90 -20.37 -3.09 -14.63
C GLN A 90 -20.04 -2.06 -15.70
N ASP A 91 -20.04 -2.52 -16.95
CA ASP A 91 -19.74 -1.74 -18.15
C ASP A 91 -21.02 -1.37 -18.91
N TYR A 92 -22.14 -1.95 -18.47
CA TYR A 92 -23.38 -1.94 -19.24
C TYR A 92 -23.89 -0.54 -19.52
N SER A 93 -24.10 0.26 -18.47
CA SER A 93 -24.52 1.63 -18.65
C SER A 93 -23.87 2.56 -17.64
N SER A 94 -23.60 3.80 -18.06
CA SER A 94 -22.98 4.78 -17.16
C SER A 94 -23.97 5.25 -16.10
N PRO A 95 -23.48 5.58 -14.90
CA PRO A 95 -22.10 5.49 -14.44
C PRO A 95 -21.65 4.03 -14.30
N TYR A 96 -20.50 3.70 -14.87
CA TYR A 96 -19.92 2.39 -14.68
C TYR A 96 -19.59 2.24 -13.20
N THR A 97 -19.98 1.13 -12.60
CA THR A 97 -19.86 0.95 -11.14
C THR A 97 -19.10 -0.33 -10.78
N PHE A 98 -18.36 -0.27 -9.67
CA PHE A 98 -17.51 -1.38 -9.25
C PHE A 98 -18.14 -2.09 -8.04
N GLY A 99 -17.87 -3.38 -7.89
CA GLY A 99 -18.16 -4.07 -6.62
C GLY A 99 -17.22 -3.55 -5.51
N GLY A 100 -17.53 -3.83 -4.24
CA GLY A 100 -16.75 -3.29 -3.11
C GLY A 100 -15.41 -3.97 -2.89
N GLY A 101 -15.14 -5.02 -3.65
CA GLY A 101 -13.90 -5.78 -3.54
C GLY A 101 -13.96 -6.98 -2.61
N THR A 102 -13.06 -7.93 -2.87
CA THR A 102 -12.88 -9.14 -2.05
C THR A 102 -11.40 -9.27 -1.78
N LYS A 103 -11.05 -9.24 -0.51
CA LYS A 103 -9.66 -9.35 -0.05
C LYS A 103 -9.34 -10.82 0.24
N LEU A 104 -8.31 -11.32 -0.43
CA LEU A 104 -7.87 -12.69 -0.24
C LEU A 104 -6.77 -12.75 0.80
N GLU A 105 -6.94 -13.57 1.84
CA GLU A 105 -5.84 -13.95 2.75
C GLU A 105 -5.47 -15.40 2.47
N ILE A 106 -4.18 -15.68 2.26
CA ILE A 106 -3.74 -17.05 1.95
C ILE A 106 -3.33 -17.82 3.20
N LYS A 107 -4.11 -18.86 3.51
CA LYS A 107 -3.86 -19.76 4.63
C LYS A 107 -2.63 -20.61 4.37
N ARG A 108 -1.75 -20.68 5.36
CA ARG A 108 -0.52 -21.46 5.21
C ARG A 108 -0.15 -22.08 6.54
N THR A 109 0.95 -22.84 6.58
CA THR A 109 1.42 -23.45 7.81
C THR A 109 1.93 -22.40 8.79
N VAL A 110 1.87 -22.68 10.08
CA VAL A 110 2.27 -21.68 11.09
C VAL A 110 3.77 -21.41 10.97
N ALA A 111 4.14 -20.13 10.98
CA ALA A 111 5.55 -19.75 10.94
C ALA A 111 5.79 -18.73 12.04
N ALA A 112 6.74 -19.03 12.92
CA ALA A 112 7.13 -18.17 14.03
C ALA A 112 7.85 -16.93 13.52
N PRO A 113 7.63 -15.77 14.18
CA PRO A 113 8.39 -14.57 13.80
C PRO A 113 9.85 -14.65 14.24
N SER A 114 10.74 -14.01 13.49
CA SER A 114 12.06 -13.65 14.00
C SER A 114 11.87 -12.25 14.54
N VAL A 115 12.35 -12.01 15.75
CA VAL A 115 12.09 -10.78 16.47
C VAL A 115 13.36 -9.95 16.55
N PHE A 116 13.23 -8.66 16.27
CA PHE A 116 14.38 -7.74 16.29
C PHE A 116 13.97 -6.47 16.99
N ILE A 117 14.91 -5.90 17.76
CA ILE A 117 14.64 -4.63 18.42
C ILE A 117 15.67 -3.53 18.08
N PHE A 118 15.15 -2.30 18.00
CA PHE A 118 15.93 -1.12 17.66
C PHE A 118 15.78 -0.02 18.73
N PRO A 119 16.90 0.37 19.35
CA PRO A 119 17.01 1.51 20.26
C PRO A 119 16.69 2.81 19.49
N PRO A 120 16.37 3.89 20.23
CA PRO A 120 16.24 5.17 19.57
C PRO A 120 17.62 5.55 19.07
N SER A 121 17.67 6.26 17.94
CA SER A 121 18.93 6.73 17.37
C SER A 121 19.47 7.91 18.17
N ASP A 122 20.78 8.12 18.10
CA ASP A 122 21.41 9.30 18.68
C ASP A 122 20.80 10.58 18.12
N GLU A 123 20.57 10.63 16.81
CA GLU A 123 19.97 11.85 16.27
C GLU A 123 18.59 12.16 16.82
N GLN A 124 17.75 11.15 17.00
CA GLN A 124 16.39 11.41 17.44
C GLN A 124 16.41 11.87 18.87
N LEU A 125 17.25 11.22 19.68
CA LEU A 125 17.38 11.56 21.08
C LEU A 125 17.71 13.03 21.26
N LYS A 126 18.66 13.52 20.47
CA LYS A 126 19.01 14.94 20.51
C LYS A 126 17.77 15.86 20.42
N SER A 127 16.72 15.42 19.73
CA SER A 127 15.53 16.22 19.45
C SER A 127 14.43 16.20 20.52
N GLY A 128 14.60 15.39 21.57
CA GLY A 128 13.64 15.37 22.67
C GLY A 128 12.69 14.17 22.72
N THR A 129 12.82 13.26 21.76
CA THR A 129 11.92 12.09 21.66
C THR A 129 12.71 10.79 21.49
N ALA A 130 12.14 9.71 22.03
CA ALA A 130 12.70 8.37 21.89
C ALA A 130 11.64 7.46 21.29
N SER A 131 11.89 6.98 20.07
CA SER A 131 11.06 5.92 19.46
C SER A 131 11.85 4.63 19.54
N VAL A 132 11.20 3.61 20.10
CA VAL A 132 11.78 2.27 20.19
C VAL A 132 10.93 1.36 19.30
N VAL A 133 11.61 0.64 18.42
CA VAL A 133 10.97 -0.20 17.41
C VAL A 133 11.26 -1.68 17.63
N CYS A 134 10.17 -2.45 17.66
CA CYS A 134 10.29 -3.90 17.64
C CYS A 134 9.78 -4.43 16.30
N LEU A 135 10.57 -5.32 15.67
CA LEU A 135 10.19 -5.93 14.39
C LEU A 135 9.92 -7.42 14.58
N LEU A 136 8.79 -7.87 14.04
CA LEU A 136 8.42 -9.28 13.94
C LEU A 136 8.43 -9.61 12.45
N ASN A 137 9.38 -10.44 12.02
CA ASN A 137 9.57 -10.69 10.60
C ASN A 137 9.12 -12.04 10.12
N ASN A 138 8.31 -12.04 9.07
CA ASN A 138 8.05 -13.24 8.27
C ASN A 138 7.37 -14.37 9.05
N PHE A 139 6.16 -14.09 9.55
CA PHE A 139 5.44 -15.02 10.39
C PHE A 139 4.01 -15.27 9.89
N TYR A 140 3.41 -16.35 10.39
CA TYR A 140 2.02 -16.67 10.07
C TYR A 140 1.46 -17.57 11.18
N PRO A 141 0.19 -17.34 11.60
CA PRO A 141 -0.76 -16.30 11.19
C PRO A 141 -0.46 -14.89 11.70
N ARG A 142 -1.34 -13.97 11.31
CA ARG A 142 -1.22 -12.55 11.63
C ARG A 142 -1.33 -12.32 13.15
N GLU A 143 -2.23 -13.07 13.80
CA GLU A 143 -2.50 -12.98 15.23
C GLU A 143 -1.20 -13.03 16.04
N ALA A 144 -0.96 -12.00 16.84
CA ALA A 144 0.28 -11.87 17.59
C ALA A 144 0.09 -10.86 18.68
N LYS A 145 0.70 -11.14 19.84
CA LYS A 145 0.70 -10.22 20.95
C LYS A 145 2.12 -9.71 21.20
N VAL A 146 2.27 -8.39 21.11
CA VAL A 146 3.55 -7.75 21.34
C VAL A 146 3.37 -6.88 22.59
N GLN A 147 4.15 -7.20 23.62
CA GLN A 147 4.08 -6.45 24.88
C GLN A 147 5.38 -5.71 25.15
N TRP A 148 5.26 -4.41 25.41
CA TRP A 148 6.42 -3.62 25.77
C TRP A 148 6.55 -3.67 27.27
N LYS A 149 7.78 -3.82 27.73
CA LYS A 149 8.08 -3.77 29.15
C LYS A 149 9.28 -2.88 29.34
N VAL A 150 9.18 -1.92 30.25
CA VAL A 150 10.33 -1.09 30.59
C VAL A 150 10.67 -1.33 32.07
N ASP A 151 11.92 -1.71 32.35
CA ASP A 151 12.35 -2.24 33.67
C ASP A 151 11.34 -3.25 34.23
N ASN A 152 10.94 -4.18 33.36
CA ASN A 152 9.96 -5.23 33.64
C ASN A 152 8.52 -4.76 33.95
N ALA A 153 8.24 -3.48 33.74
CA ALA A 153 6.91 -2.92 33.98
C ALA A 153 6.17 -2.84 32.67
N LEU A 154 4.99 -3.45 32.62
CA LEU A 154 4.20 -3.57 31.40
C LEU A 154 3.64 -2.25 30.93
N GLN A 155 3.88 -1.93 29.65
CA GLN A 155 3.46 -0.65 29.08
C GLN A 155 2.06 -0.75 28.49
N SER A 156 1.37 0.39 28.42
CA SER A 156 -0.01 0.47 27.98
C SER A 156 -0.27 1.89 27.49
N GLY A 157 -0.85 2.03 26.30
CA GLY A 157 -1.24 3.36 25.79
C GLY A 157 -0.17 4.17 25.05
N ASN A 158 1.06 3.69 25.05
CA ASN A 158 2.17 4.41 24.43
C ASN A 158 2.87 3.66 23.28
N SER A 159 2.18 2.70 22.67
CA SER A 159 2.73 2.00 21.49
C SER A 159 1.73 1.99 20.35
N GLN A 160 2.21 1.81 19.11
CA GLN A 160 1.33 1.53 17.96
C GLN A 160 1.93 0.44 17.07
N GLU A 161 1.06 -0.33 16.43
CA GLU A 161 1.46 -1.44 15.54
C GLU A 161 1.01 -1.26 14.09
N SER A 162 1.87 -1.74 13.18
CA SER A 162 1.61 -1.68 11.77
C SER A 162 1.90 -3.07 11.22
N VAL A 163 1.10 -3.50 10.26
CA VAL A 163 1.31 -4.82 9.62
C VAL A 163 1.33 -4.73 8.10
N THR A 164 2.30 -5.42 7.51
CA THR A 164 2.33 -5.57 6.06
C THR A 164 1.26 -6.51 5.48
N GLU A 165 1.02 -6.34 4.18
CA GLU A 165 0.24 -7.31 3.45
C GLU A 165 1.02 -8.62 3.37
N GLN A 166 0.29 -9.70 3.18
CA GLN A 166 0.90 -11.01 2.99
C GLN A 166 1.91 -11.01 1.83
N ASP A 167 3.03 -11.67 2.04
CA ASP A 167 4.09 -11.75 1.05
C ASP A 167 3.64 -12.64 -0.08
N SER A 168 3.88 -12.23 -1.31
CA SER A 168 3.33 -12.92 -2.48
C SER A 168 3.95 -14.30 -2.69
N LYS A 169 5.02 -14.60 -1.96
CA LYS A 169 5.79 -15.81 -2.20
C LYS A 169 5.70 -16.80 -1.04
N ASP A 170 5.93 -16.30 0.18
CA ASP A 170 5.95 -17.14 1.36
C ASP A 170 4.69 -16.99 2.20
N SER A 171 3.83 -16.03 1.82
CA SER A 171 2.53 -15.83 2.46
C SER A 171 2.62 -15.42 3.95
N THR A 172 3.77 -14.89 4.34
CA THR A 172 3.98 -14.39 5.70
C THR A 172 3.66 -12.90 5.85
N TYR A 173 3.59 -12.46 7.10
CA TYR A 173 3.41 -11.08 7.47
C TYR A 173 4.65 -10.65 8.20
N SER A 174 4.92 -9.35 8.16
CA SER A 174 5.79 -8.72 9.13
C SER A 174 5.00 -7.64 9.89
N LEU A 175 5.47 -7.34 11.08
CA LEU A 175 4.81 -6.42 11.98
C LEU A 175 5.84 -5.56 12.72
N SER A 176 5.58 -4.27 12.77
CA SER A 176 6.37 -3.34 13.55
C SER A 176 5.53 -2.83 14.71
N SER A 177 6.15 -2.76 15.89
CA SER A 177 5.58 -2.07 17.02
C SER A 177 6.57 -0.97 17.41
N THR A 178 6.06 0.23 17.62
CA THR A 178 6.86 1.38 17.99
C THR A 178 6.40 1.95 19.28
N LEU A 179 7.28 1.90 20.27
CA LEU A 179 7.07 2.52 21.56
C LEU A 179 7.60 3.93 21.54
N THR A 180 6.76 4.87 21.96
CA THR A 180 7.16 6.27 21.93
C THR A 180 7.13 6.89 23.32
N LEU A 181 8.25 7.48 23.71
CA LEU A 181 8.28 8.27 24.93
C LEU A 181 9.16 9.49 24.79
N SER A 182 8.99 10.41 25.74
CA SER A 182 9.85 11.57 25.84
C SER A 182 11.26 11.15 26.22
N LYS A 183 12.23 11.94 25.77
CA LYS A 183 13.64 11.74 26.11
C LYS A 183 13.84 11.61 27.62
N ALA A 184 13.12 12.44 28.38
CA ALA A 184 13.14 12.44 29.84
C ALA A 184 12.69 11.13 30.44
N ASP A 185 11.58 10.59 29.94
CA ASP A 185 11.11 9.30 30.41
C ASP A 185 12.10 8.22 30.00
N TYR A 186 12.56 8.30 28.74
CA TYR A 186 13.50 7.31 28.23
C TYR A 186 14.72 7.14 29.18
N GLU A 187 15.32 8.26 29.59
CA GLU A 187 16.55 8.29 30.37
C GLU A 187 16.32 7.92 31.85
N LYS A 188 15.05 7.75 32.22
CA LYS A 188 14.69 7.33 33.56
C LYS A 188 14.76 5.80 33.75
N HIS A 189 14.96 5.08 32.65
CA HIS A 189 14.83 3.62 32.69
C HIS A 189 15.97 2.89 31.96
N LYS A 190 16.24 1.67 32.37
CA LYS A 190 17.41 0.97 31.80
C LYS A 190 17.00 -0.01 30.71
N VAL A 191 16.15 -0.99 31.08
CA VAL A 191 15.82 -2.10 30.23
C VAL A 191 14.58 -1.86 29.40
N TYR A 192 14.76 -2.05 28.10
CA TYR A 192 13.70 -1.92 27.11
C TYR A 192 13.50 -3.27 26.43
N ALA A 193 12.30 -3.84 26.59
CA ALA A 193 12.04 -5.20 26.17
C ALA A 193 10.76 -5.22 25.36
N CYS A 194 10.79 -5.97 24.25
CA CYS A 194 9.57 -6.32 23.52
C CYS A 194 9.35 -7.82 23.67
N GLU A 195 8.17 -8.17 24.13
CA GLU A 195 7.85 -9.58 24.36
C GLU A 195 6.80 -10.01 23.37
N VAL A 196 7.11 -11.07 22.64
CA VAL A 196 6.25 -11.53 21.55
C VAL A 196 5.61 -12.88 21.89
N THR A 197 4.29 -12.93 21.80
CA THR A 197 3.53 -14.16 21.96
C THR A 197 2.95 -14.47 20.60
N HIS A 198 3.17 -15.70 20.12
CA HIS A 198 2.66 -16.14 18.82
C HIS A 198 2.47 -17.66 18.80
N GLN A 199 1.42 -18.12 18.12
CA GLN A 199 1.11 -19.56 18.02
C GLN A 199 2.35 -20.41 17.72
N GLY A 200 3.21 -19.93 16.83
CA GLY A 200 4.44 -20.65 16.45
C GLY A 200 5.60 -20.67 17.44
N LEU A 201 5.45 -19.95 18.55
CA LEU A 201 6.47 -19.96 19.60
C LEU A 201 5.98 -20.76 20.79
N SER A 202 6.75 -21.76 21.19
CA SER A 202 6.38 -22.63 22.32
C SER A 202 6.26 -21.84 23.62
N SER A 203 6.91 -20.68 23.65
CA SER A 203 6.89 -19.77 24.80
C SER A 203 7.23 -18.38 24.28
N PRO A 204 6.66 -17.32 24.89
CA PRO A 204 6.93 -15.96 24.39
C PRO A 204 8.43 -15.66 24.28
N VAL A 205 8.81 -14.95 23.22
CA VAL A 205 10.21 -14.52 23.01
C VAL A 205 10.41 -13.03 23.37
N THR A 206 11.46 -12.76 24.15
CA THR A 206 11.77 -11.39 24.54
C THR A 206 13.10 -10.92 23.94
N LYS A 207 13.06 -9.82 23.19
CA LYS A 207 14.29 -9.14 22.78
C LYS A 207 14.40 -7.84 23.57
N SER A 208 15.62 -7.49 23.96
CA SER A 208 15.83 -6.33 24.83
C SER A 208 17.20 -5.70 24.64
N PHE A 209 17.32 -4.49 25.16
CA PHE A 209 18.60 -3.80 25.22
C PHE A 209 18.54 -2.87 26.42
N ASN A 210 19.72 -2.46 26.89
CA ASN A 210 19.88 -1.46 27.92
C ASN A 210 20.13 -0.08 27.34
N ARG A 211 19.44 0.91 27.89
CA ARG A 211 19.75 2.29 27.56
C ARG A 211 21.25 2.47 27.81
N GLY A 212 21.99 2.85 26.77
CA GLY A 212 23.42 3.14 26.85
C GLY A 212 24.29 2.00 26.30
N GLU A 213 23.64 0.89 25.96
CA GLU A 213 24.33 -0.29 25.46
C GLU A 213 24.89 -0.09 24.04
N CYS A 214 24.10 0.52 23.18
CA CYS A 214 24.47 0.64 21.77
C CYS A 214 24.77 2.09 21.40
N MET B 3 2.77 -0.96 -24.99
CA MET B 3 1.54 -0.24 -24.55
C MET B 3 1.71 0.32 -23.14
N LYS B 4 1.61 1.64 -23.01
CA LYS B 4 1.80 2.27 -21.71
C LYS B 4 1.02 3.57 -21.57
N LEU B 5 0.52 3.80 -20.37
CA LEU B 5 -0.09 5.06 -19.97
C LEU B 5 0.67 5.62 -18.77
N GLU B 6 0.77 6.94 -18.67
CA GLU B 6 1.41 7.58 -17.52
C GLU B 6 0.65 8.81 -17.06
N GLU B 7 0.19 8.77 -15.81
CA GLU B 7 -0.49 9.89 -15.17
C GLU B 7 0.54 10.81 -14.49
N SER B 8 0.25 12.11 -14.53
CA SER B 8 0.91 13.13 -13.70
C SER B 8 -0.09 14.25 -13.45
N GLY B 9 0.32 15.25 -12.65
CA GLY B 9 -0.58 16.37 -12.31
C GLY B 9 -1.13 16.34 -10.90
N GLY B 10 -1.01 15.21 -10.23
CA GLY B 10 -1.56 15.04 -8.88
C GLY B 10 -0.80 15.87 -7.84
N GLY B 11 -1.38 16.01 -6.66
CA GLY B 11 -0.72 16.69 -5.55
C GLY B 11 -1.68 17.11 -4.45
N LEU B 12 -1.21 17.99 -3.58
CA LEU B 12 -1.98 18.45 -2.44
C LEU B 12 -2.61 19.80 -2.80
N VAL B 13 -3.90 19.95 -2.50
CA VAL B 13 -4.62 21.17 -2.83
C VAL B 13 -5.70 21.50 -1.75
N GLN B 14 -5.97 22.79 -1.55
CA GLN B 14 -7.01 23.25 -0.62
C GLN B 14 -8.41 22.88 -1.13
N PRO B 15 -9.36 22.57 -0.21
CA PRO B 15 -10.74 22.42 -0.68
C PRO B 15 -11.16 23.69 -1.43
N GLY B 16 -11.92 23.51 -2.51
CA GLY B 16 -12.34 24.62 -3.36
C GLY B 16 -11.33 24.93 -4.44
N GLY B 17 -10.14 24.34 -4.32
CA GLY B 17 -9.08 24.56 -5.28
C GLY B 17 -9.32 23.83 -6.60
N SER B 18 -8.31 23.89 -7.45
CA SER B 18 -8.33 23.35 -8.81
C SER B 18 -7.06 22.57 -9.11
N MET B 19 -7.19 21.54 -9.94
CA MET B 19 -6.05 20.75 -10.38
C MET B 19 -6.30 20.18 -11.76
N LYS B 20 -5.23 19.98 -12.52
CA LYS B 20 -5.35 19.33 -13.83
C LYS B 20 -4.46 18.08 -13.90
N LEU B 21 -5.09 16.94 -14.18
CA LEU B 21 -4.34 15.72 -14.37
C LEU B 21 -4.09 15.48 -15.85
N SER B 22 -2.99 14.81 -16.16
CA SER B 22 -2.62 14.48 -17.55
C SER B 22 -2.30 13.01 -17.68
N CYS B 23 -2.61 12.43 -18.83
CA CYS B 23 -2.23 11.05 -19.10
C CYS B 23 -1.76 10.88 -20.54
N VAL B 24 -0.49 10.51 -20.69
CA VAL B 24 0.15 10.38 -21.98
C VAL B 24 0.25 8.89 -22.31
N ALA B 25 -0.20 8.54 -23.51
CA ALA B 25 -0.18 7.16 -23.99
C ALA B 25 0.91 6.97 -25.04
N SER B 26 1.44 5.76 -25.10
CA SER B 26 2.32 5.35 -26.19
C SER B 26 2.11 3.88 -26.50
N GLY B 27 2.54 3.48 -27.71
CA GLY B 27 2.47 2.08 -28.13
C GLY B 27 1.08 1.59 -28.50
N PHE B 28 0.17 2.51 -28.82
CA PHE B 28 -1.11 2.18 -29.46
C PHE B 28 -1.73 3.40 -30.16
N THR B 29 -2.73 3.18 -31.01
CA THR B 29 -3.32 4.30 -31.76
C THR B 29 -4.40 4.97 -30.93
N PHE B 30 -3.95 5.97 -30.19
CA PHE B 30 -4.73 6.62 -29.16
C PHE B 30 -6.08 7.11 -29.65
N SER B 31 -6.09 7.73 -30.82
CA SER B 31 -7.32 8.30 -31.37
C SER B 31 -8.39 7.23 -31.57
N ASN B 32 -8.02 5.96 -31.50
CA ASN B 32 -9.02 4.91 -31.71
C ASN B 32 -9.72 4.45 -30.41
N TYR B 33 -9.27 4.96 -29.26
CA TYR B 33 -9.74 4.47 -27.95
C TYR B 33 -10.56 5.50 -27.18
N TRP B 34 -11.70 5.06 -26.65
CA TRP B 34 -12.36 5.86 -25.61
C TRP B 34 -11.41 5.92 -24.43
N MET B 35 -11.42 7.03 -23.69
CA MET B 35 -10.57 7.11 -22.51
C MET B 35 -11.38 7.43 -21.26
N ASN B 36 -10.97 6.83 -20.15
CA ASN B 36 -11.63 6.98 -18.84
C ASN B 36 -10.68 7.47 -17.78
N TRP B 37 -11.21 8.27 -16.86
CA TRP B 37 -10.55 8.41 -15.56
C TRP B 37 -11.33 7.65 -14.48
N VAL B 38 -10.60 6.85 -13.67
CA VAL B 38 -11.16 6.07 -12.55
C VAL B 38 -10.30 6.43 -11.32
N ARG B 39 -10.94 6.64 -10.16
CA ARG B 39 -10.20 6.93 -8.94
C ARG B 39 -10.36 5.85 -7.85
N GLN B 40 -9.44 5.85 -6.89
CA GLN B 40 -9.46 4.88 -5.81
C GLN B 40 -9.08 5.52 -4.48
N SER B 41 -9.93 5.31 -3.47
CA SER B 41 -9.61 5.64 -2.07
C SER B 41 -9.97 4.44 -1.20
N PRO B 42 -9.28 4.27 -0.05
CA PRO B 42 -9.64 3.16 0.87
C PRO B 42 -11.11 3.15 1.27
N GLU B 43 -11.66 4.34 1.56
CA GLU B 43 -12.99 4.44 2.12
C GLU B 43 -14.07 4.14 1.09
N LYS B 44 -13.87 4.62 -0.14
CA LYS B 44 -14.87 4.54 -1.20
C LYS B 44 -14.64 3.42 -2.22
N GLY B 45 -13.41 2.92 -2.30
CA GLY B 45 -13.07 1.87 -3.28
C GLY B 45 -12.80 2.48 -4.66
N LEU B 46 -13.09 1.70 -5.71
CA LEU B 46 -12.93 2.15 -7.09
C LEU B 46 -14.20 2.83 -7.56
N GLU B 47 -14.00 3.96 -8.23
CA GLU B 47 -15.09 4.80 -8.66
C GLU B 47 -14.76 5.30 -10.06
N TRP B 48 -15.62 4.98 -11.02
CA TRP B 48 -15.47 5.57 -12.36
C TRP B 48 -15.82 7.05 -12.34
N VAL B 49 -15.00 7.88 -12.98
CA VAL B 49 -15.17 9.34 -12.88
C VAL B 49 -15.67 10.07 -14.14
N ALA B 50 -15.10 9.73 -15.30
CA ALA B 50 -15.31 10.50 -16.53
C ALA B 50 -14.88 9.65 -17.72
N GLN B 51 -15.52 9.85 -18.87
CA GLN B 51 -15.12 9.15 -20.09
C GLN B 51 -15.21 10.09 -21.28
N ILE B 52 -14.29 9.94 -22.24
CA ILE B 52 -14.37 10.71 -23.47
C ILE B 52 -14.23 9.79 -24.68
N ARG B 53 -15.10 10.00 -25.67
CA ARG B 53 -15.11 9.14 -26.84
C ARG B 53 -14.36 9.78 -28.02
N LEU B 54 -14.74 9.43 -29.25
CA LEU B 54 -13.89 9.71 -30.40
C LEU B 54 -14.35 10.91 -31.25
N LYS B 55 -13.45 11.35 -32.13
CA LYS B 55 -13.72 12.36 -33.16
C LYS B 55 -15.07 12.14 -33.83
N SER B 56 -15.36 10.89 -34.20
CA SER B 56 -16.67 10.47 -34.73
C SER B 56 -17.85 11.03 -33.92
N TYR B 57 -17.82 10.79 -32.61
CA TYR B 57 -18.87 11.22 -31.67
C TYR B 57 -18.91 12.74 -31.47
N ASN B 58 -17.96 13.45 -32.09
CA ASN B 58 -17.61 14.81 -31.66
C ASN B 58 -17.14 14.83 -30.20
N TYR B 59 -16.38 13.80 -29.83
CA TYR B 59 -15.74 13.69 -28.51
C TYR B 59 -16.75 13.74 -27.35
N ALA B 60 -17.80 12.94 -27.48
CA ALA B 60 -18.84 12.77 -26.47
C ALA B 60 -18.20 12.52 -25.11
N THR B 61 -18.66 13.21 -24.07
CA THR B 61 -18.17 13.01 -22.71
C THR B 61 -19.30 12.58 -21.76
N HIS B 62 -18.94 11.81 -20.73
CA HIS B 62 -19.87 11.45 -19.65
C HIS B 62 -19.13 11.55 -18.33
N TYR B 63 -19.89 11.83 -17.25
CA TYR B 63 -19.33 12.13 -15.92
C TYR B 63 -20.16 11.47 -14.83
N ALA B 64 -19.49 10.99 -13.79
CA ALA B 64 -20.17 10.52 -12.59
C ALA B 64 -20.90 11.71 -12.00
N GLU B 65 -22.11 11.50 -11.49
CA GLU B 65 -22.91 12.57 -10.87
C GLU B 65 -22.10 13.43 -9.89
N SER B 66 -21.36 12.78 -8.99
CA SER B 66 -20.56 13.49 -7.98
C SER B 66 -19.50 14.48 -8.52
N VAL B 67 -19.17 14.39 -9.81
CA VAL B 67 -18.16 15.29 -10.38
C VAL B 67 -18.73 16.26 -11.42
N LYS B 68 -19.99 16.03 -11.80
CA LYS B 68 -20.68 16.83 -12.80
C LYS B 68 -20.65 18.33 -12.50
N GLY B 69 -20.22 19.10 -13.49
CA GLY B 69 -20.15 20.55 -13.35
C GLY B 69 -18.85 21.04 -12.73
N ARG B 70 -18.10 20.12 -12.12
CA ARG B 70 -16.83 20.45 -11.50
C ARG B 70 -15.64 19.93 -12.34
N PHE B 71 -15.77 18.73 -12.91
CA PHE B 71 -14.69 18.07 -13.66
C PHE B 71 -14.94 18.14 -15.17
N THR B 72 -13.85 18.27 -15.95
CA THR B 72 -13.94 18.26 -17.40
C THR B 72 -12.87 17.33 -17.97
N ILE B 73 -13.29 16.32 -18.70
CA ILE B 73 -12.34 15.48 -19.41
C ILE B 73 -12.13 16.05 -20.83
N SER B 74 -10.90 15.96 -21.33
CA SER B 74 -10.60 16.37 -22.69
C SER B 74 -9.46 15.51 -23.20
N ARG B 75 -9.18 15.59 -24.49
CA ARG B 75 -8.09 14.83 -25.09
C ARG B 75 -7.42 15.62 -26.20
N ASP B 76 -6.16 15.28 -26.44
CA ASP B 76 -5.41 15.78 -27.56
C ASP B 76 -4.83 14.60 -28.33
N ASP B 77 -5.57 14.14 -29.32
CA ASP B 77 -5.15 12.99 -30.13
C ASP B 77 -3.76 13.20 -30.74
N SER B 78 -3.47 14.42 -31.21
CA SER B 78 -2.15 14.74 -31.81
C SER B 78 -1.00 14.56 -30.84
N LYS B 79 -1.32 14.51 -29.54
CA LYS B 79 -0.32 14.31 -28.48
C LYS B 79 -0.60 13.04 -27.65
N SER B 80 -1.55 12.23 -28.12
CA SER B 80 -1.88 10.95 -27.48
C SER B 80 -2.10 11.15 -25.97
N SER B 81 -2.92 12.14 -25.62
CA SER B 81 -3.07 12.56 -24.23
C SER B 81 -4.52 12.77 -23.85
N VAL B 82 -4.85 12.39 -22.63
CA VAL B 82 -6.17 12.68 -22.08
C VAL B 82 -5.93 13.45 -20.77
N TYR B 83 -6.87 14.32 -20.43
CA TYR B 83 -6.68 15.23 -19.30
C TYR B 83 -7.93 15.26 -18.45
N LEU B 84 -7.75 15.58 -17.18
CA LEU B 84 -8.91 15.83 -16.29
C LEU B 84 -8.66 17.13 -15.54
N GLN B 85 -9.50 18.12 -15.84
CA GLN B 85 -9.49 19.43 -15.20
C GLN B 85 -10.44 19.36 -13.99
N MET B 86 -9.97 19.70 -12.80
CA MET B 86 -10.83 19.50 -11.64
C MET B 86 -10.96 20.79 -10.86
N ASN B 87 -12.19 21.30 -10.78
CA ASN B 87 -12.50 22.54 -10.09
C ASN B 87 -13.32 22.29 -8.83
N ASN B 88 -13.29 23.27 -7.92
CA ASN B 88 -14.08 23.20 -6.69
C ASN B 88 -13.93 21.87 -6.00
N LEU B 89 -12.68 21.50 -5.75
CA LEU B 89 -12.36 20.19 -5.22
C LEU B 89 -12.88 19.92 -3.81
N ARG B 90 -13.33 18.70 -3.58
CA ARG B 90 -13.88 18.35 -2.29
C ARG B 90 -12.96 17.35 -1.60
N ALA B 91 -13.00 17.33 -0.27
CA ALA B 91 -12.27 16.36 0.52
C ALA B 91 -12.37 14.95 -0.07
N GLU B 92 -13.61 14.56 -0.37
CA GLU B 92 -13.92 13.25 -0.92
C GLU B 92 -13.39 13.01 -2.36
N ASP B 93 -12.90 14.03 -3.05
CA ASP B 93 -12.20 13.81 -4.33
C ASP B 93 -10.78 13.26 -4.13
N THR B 94 -10.33 13.25 -2.87
CA THR B 94 -9.07 12.61 -2.52
C THR B 94 -9.08 11.15 -2.97
N GLY B 95 -7.95 10.74 -3.56
CA GLY B 95 -7.78 9.36 -4.03
C GLY B 95 -6.67 9.29 -5.05
N ILE B 96 -6.40 8.10 -5.54
CA ILE B 96 -5.42 7.86 -6.58
C ILE B 96 -6.21 7.77 -7.88
N TYR B 97 -5.78 8.55 -8.87
CA TYR B 97 -6.48 8.67 -10.13
C TYR B 97 -5.72 7.93 -11.22
N TYR B 98 -6.46 7.06 -11.91
CA TYR B 98 -5.94 6.23 -13.00
C TYR B 98 -6.58 6.57 -14.32
N CYS B 99 -5.78 6.57 -15.35
CA CYS B 99 -6.26 6.74 -16.70
C CYS B 99 -6.28 5.35 -17.38
N THR B 100 -7.39 5.05 -18.05
CA THR B 100 -7.63 3.73 -18.62
C THR B 100 -8.51 3.82 -19.89
N PRO B 101 -8.13 3.10 -20.97
CA PRO B 101 -8.88 3.06 -22.23
C PRO B 101 -10.13 2.21 -22.15
N ASP B 102 -11.04 2.36 -23.12
CA ASP B 102 -12.25 1.54 -23.16
C ASP B 102 -11.87 0.06 -23.14
N GLY B 103 -12.57 -0.72 -22.32
CA GLY B 103 -12.23 -2.11 -22.13
C GLY B 103 -11.25 -2.30 -20.99
N SER B 104 -10.84 -1.19 -20.37
CA SER B 104 -9.91 -1.16 -19.24
C SER B 104 -8.83 -2.24 -19.30
N ASP B 105 -8.33 -2.48 -20.52
CA ASP B 105 -7.33 -3.48 -20.82
C ASP B 105 -6.06 -3.23 -20.04
N TYR B 106 -5.66 -1.94 -19.99
CA TYR B 106 -4.44 -1.50 -19.32
C TYR B 106 -4.71 -0.30 -18.40
N TRP B 107 -3.86 -0.12 -17.39
CA TRP B 107 -3.98 0.99 -16.44
C TRP B 107 -2.60 1.63 -16.22
N GLY B 108 -2.59 2.88 -15.77
CA GLY B 108 -1.30 3.52 -15.45
C GLY B 108 -0.91 3.26 -14.01
N GLN B 109 0.25 3.81 -13.60
CA GLN B 109 0.69 3.78 -12.22
C GLN B 109 -0.19 4.62 -11.28
N GLY B 110 -0.90 5.60 -11.84
CA GLY B 110 -1.83 6.43 -11.05
C GLY B 110 -1.15 7.69 -10.56
N THR B 111 -1.97 8.69 -10.22
CA THR B 111 -1.44 9.92 -9.64
C THR B 111 -2.31 10.32 -8.47
N THR B 112 -1.66 10.69 -7.36
CA THR B 112 -2.34 10.96 -6.08
C THR B 112 -2.82 12.39 -5.97
N LEU B 113 -4.11 12.55 -5.63
CA LEU B 113 -4.72 13.84 -5.34
C LEU B 113 -5.10 13.87 -3.87
N THR B 114 -4.68 14.91 -3.18
CA THR B 114 -5.06 15.09 -1.77
C THR B 114 -5.66 16.48 -1.62
N VAL B 115 -6.91 16.50 -1.17
CA VAL B 115 -7.64 17.73 -1.01
C VAL B 115 -7.74 17.86 0.50
N SER B 116 -7.06 18.88 1.05
CA SER B 116 -6.90 19.02 2.50
C SER B 116 -6.61 20.47 2.78
N SER B 117 -7.22 20.98 3.85
CA SER B 117 -6.95 22.36 4.29
C SER B 117 -5.68 22.46 5.16
N ALA B 118 -5.14 21.31 5.56
CA ALA B 118 -4.02 21.29 6.51
C ALA B 118 -2.71 21.62 5.81
N SER B 119 -1.81 22.31 6.51
CA SER B 119 -0.50 22.63 5.95
C SER B 119 0.34 21.37 5.96
N THR B 120 1.39 21.35 5.14
CA THR B 120 2.21 20.16 5.05
C THR B 120 3.27 20.13 6.13
N LYS B 121 3.78 18.95 6.42
CA LYS B 121 4.92 18.80 7.32
C LYS B 121 5.76 17.66 6.80
N GLY B 122 7.03 17.97 6.55
CA GLY B 122 8.01 16.98 6.12
C GLY B 122 8.49 16.13 7.28
N PRO B 123 8.86 14.88 6.97
CA PRO B 123 9.30 13.94 8.00
C PRO B 123 10.74 14.13 8.44
N SER B 124 11.05 13.65 9.64
CA SER B 124 12.44 13.42 10.02
C SER B 124 12.74 11.98 9.67
N VAL B 125 13.97 11.68 9.28
CA VAL B 125 14.32 10.30 8.91
C VAL B 125 15.44 9.84 9.86
N PHE B 126 15.15 8.84 10.67
CA PHE B 126 16.08 8.35 11.67
C PHE B 126 16.54 6.95 11.30
N PRO B 127 17.83 6.64 11.56
CA PRO B 127 18.30 5.27 11.28
C PRO B 127 17.77 4.25 12.29
N LEU B 128 17.45 3.06 11.79
CA LEU B 128 17.29 1.86 12.61
C LEU B 128 18.54 0.97 12.37
N ALA B 129 19.58 1.23 13.15
CA ALA B 129 20.93 0.64 12.94
C ALA B 129 20.96 -0.88 13.07
N PRO B 130 21.72 -1.59 12.18
CA PRO B 130 21.81 -3.03 12.41
C PRO B 130 22.75 -3.26 13.60
N SER B 131 22.49 -4.29 14.38
CA SER B 131 23.30 -4.62 15.55
C SER B 131 23.05 -6.06 15.93
N SER B 132 23.75 -6.53 16.96
CA SER B 132 23.49 -7.85 17.50
C SER B 132 22.02 -8.00 17.94
N LYS B 133 21.37 -6.89 18.31
CA LYS B 133 19.95 -6.86 18.76
C LYS B 133 18.96 -7.08 17.61
N SER B 134 19.47 -6.98 16.38
CA SER B 134 18.67 -7.20 15.18
C SER B 134 19.37 -8.18 14.24
N THR B 135 20.13 -9.11 14.81
CA THR B 135 20.80 -10.17 14.05
C THR B 135 20.36 -11.57 14.48
N SER B 136 20.01 -12.40 13.51
CA SER B 136 19.74 -13.81 13.77
C SER B 136 20.31 -14.70 12.68
N GLY B 137 21.09 -15.71 13.10
CA GLY B 137 21.72 -16.69 12.21
C GLY B 137 22.39 -16.13 10.95
N GLY B 138 23.28 -15.15 11.11
CA GLY B 138 23.97 -14.58 9.96
C GLY B 138 23.20 -13.55 9.15
N THR B 139 21.95 -13.26 9.55
CA THR B 139 21.16 -12.18 8.92
C THR B 139 21.02 -10.99 9.88
N ALA B 140 21.07 -9.79 9.37
CA ALA B 140 20.84 -8.63 10.21
C ALA B 140 19.64 -7.88 9.64
N ALA B 141 18.83 -7.29 10.51
CA ALA B 141 17.81 -6.33 10.07
C ALA B 141 18.21 -4.88 10.36
N LEU B 142 17.86 -4.02 9.42
CA LEU B 142 18.14 -2.61 9.54
C LEU B 142 16.98 -1.89 8.91
N GLY B 143 16.91 -0.59 9.11
CA GLY B 143 15.85 0.20 8.46
C GLY B 143 15.92 1.68 8.69
N CYS B 144 14.79 2.36 8.47
CA CYS B 144 14.71 3.78 8.61
C CYS B 144 13.32 4.07 9.18
N LEU B 145 13.24 5.03 10.11
CA LEU B 145 11.98 5.51 10.72
C LEU B 145 11.69 6.89 10.17
N VAL B 146 10.57 7.02 9.49
CA VAL B 146 10.19 8.24 8.79
C VAL B 146 9.00 8.80 9.59
N LYS B 147 9.26 9.81 10.41
CA LYS B 147 8.36 10.17 11.50
C LYS B 147 7.87 11.61 11.37
N ASP B 148 6.64 11.83 11.81
CA ASP B 148 6.08 13.17 11.92
C ASP B 148 5.89 13.92 10.60
N TYR B 149 5.19 13.31 9.65
CA TYR B 149 4.88 13.98 8.38
C TYR B 149 3.38 14.08 8.13
N PHE B 150 3.02 15.03 7.26
CA PHE B 150 1.62 15.19 6.84
C PHE B 150 1.54 15.92 5.50
N PRO B 151 0.62 15.50 4.60
CA PRO B 151 -0.23 14.31 4.65
C PRO B 151 0.51 13.11 4.06
N GLU B 152 -0.23 12.02 3.80
CA GLU B 152 0.24 10.88 3.03
C GLU B 152 0.38 11.30 1.57
N PRO B 153 1.17 10.56 0.77
CA PRO B 153 2.10 9.48 1.13
C PRO B 153 3.57 9.88 1.25
N VAL B 154 4.38 9.01 1.85
CA VAL B 154 5.82 8.98 1.60
C VAL B 154 6.14 7.71 0.81
N THR B 155 7.22 7.75 0.05
CA THR B 155 7.75 6.53 -0.58
C THR B 155 9.15 6.31 -0.05
N VAL B 156 9.49 5.03 0.12
CA VAL B 156 10.80 4.66 0.58
C VAL B 156 11.38 3.66 -0.41
N SER B 157 12.61 3.92 -0.85
CA SER B 157 13.41 2.92 -1.56
C SER B 157 14.74 2.67 -0.86
N TRP B 158 15.43 1.62 -1.25
CA TRP B 158 16.75 1.33 -0.68
C TRP B 158 17.83 1.26 -1.75
N ASN B 159 18.94 1.94 -1.48
CA ASN B 159 20.03 2.11 -2.42
C ASN B 159 19.50 2.41 -3.82
N SER B 160 18.68 3.46 -3.89
CA SER B 160 18.08 3.95 -5.15
C SER B 160 17.31 2.88 -5.93
N GLY B 161 16.76 1.90 -5.23
CA GLY B 161 16.02 0.82 -5.87
C GLY B 161 16.87 -0.37 -6.25
N ALA B 162 18.16 -0.35 -5.92
CA ALA B 162 19.03 -1.50 -6.21
C ALA B 162 18.79 -2.66 -5.23
N LEU B 163 18.17 -2.33 -4.08
CA LEU B 163 17.89 -3.29 -3.03
C LEU B 163 16.38 -3.43 -2.80
N THR B 164 15.83 -4.61 -3.12
CA THR B 164 14.37 -4.83 -3.06
C THR B 164 14.03 -6.09 -2.31
N SER B 165 14.93 -7.07 -2.35
CA SER B 165 14.71 -8.34 -1.65
C SER B 165 14.73 -8.08 -0.15
N GLY B 166 13.77 -8.66 0.56
CA GLY B 166 13.72 -8.56 2.02
C GLY B 166 13.24 -7.24 2.61
N VAL B 167 12.84 -6.31 1.73
CA VAL B 167 12.31 -5.00 2.16
C VAL B 167 10.87 -5.12 2.63
N HIS B 168 10.59 -4.57 3.82
CA HIS B 168 9.21 -4.39 4.24
C HIS B 168 9.01 -2.93 4.65
N THR B 169 8.20 -2.21 3.89
CA THR B 169 7.87 -0.84 4.23
C THR B 169 6.46 -0.92 4.81
N PHE B 170 6.29 -0.52 6.06
CA PHE B 170 5.01 -0.74 6.75
C PHE B 170 3.97 0.35 6.40
N PRO B 171 2.67 0.02 6.49
CA PRO B 171 1.65 1.05 6.31
C PRO B 171 1.90 2.12 7.34
N ALA B 172 1.73 3.38 6.97
CA ALA B 172 1.89 4.47 7.93
C ALA B 172 0.78 4.34 8.96
N VAL B 173 1.04 4.87 10.15
CA VAL B 173 0.01 4.95 11.18
C VAL B 173 -0.10 6.38 11.64
N LEU B 174 -1.33 6.80 11.91
CA LEU B 174 -1.58 8.14 12.42
C LEU B 174 -1.25 8.16 13.89
N GLN B 175 -0.38 9.08 14.30
CA GLN B 175 0.00 9.20 15.70
C GLN B 175 -1.03 10.06 16.41
N SER B 176 -0.97 10.13 17.73
CA SER B 176 -1.94 10.92 18.48
C SER B 176 -1.80 12.42 18.21
N SER B 177 -0.63 12.83 17.73
CA SER B 177 -0.40 14.21 17.31
C SER B 177 -1.07 14.59 15.99
N GLY B 178 -1.69 13.62 15.32
CA GLY B 178 -2.23 13.81 13.97
C GLY B 178 -1.19 13.78 12.84
N LEU B 179 0.05 13.45 13.17
CA LEU B 179 1.10 13.32 12.14
C LEU B 179 1.39 11.84 11.88
N TYR B 180 1.73 11.49 10.63
CA TYR B 180 1.95 10.10 10.29
C TYR B 180 3.38 9.68 10.69
N SER B 181 3.58 8.38 10.89
CA SER B 181 4.92 7.78 11.02
C SER B 181 4.91 6.39 10.40
N LEU B 182 6.04 6.02 9.80
CA LEU B 182 6.22 4.69 9.32
C LEU B 182 7.68 4.25 9.40
N SER B 183 7.85 2.94 9.39
CA SER B 183 9.16 2.30 9.33
C SER B 183 9.28 1.50 8.03
N SER B 184 10.48 1.45 7.47
CA SER B 184 10.80 0.55 6.35
C SER B 184 12.01 -0.20 6.82
N VAL B 185 11.97 -1.53 6.75
CA VAL B 185 13.10 -2.34 7.19
C VAL B 185 13.56 -3.22 6.04
N VAL B 186 14.72 -3.84 6.20
CA VAL B 186 15.23 -4.86 5.27
C VAL B 186 16.13 -5.84 6.05
N THR B 187 16.13 -7.10 5.67
CA THR B 187 17.07 -8.04 6.28
C THR B 187 18.14 -8.33 5.24
N VAL B 188 19.37 -8.50 5.72
CA VAL B 188 20.51 -8.55 4.86
C VAL B 188 21.54 -9.51 5.50
N PRO B 189 22.47 -10.09 4.71
CA PRO B 189 23.58 -10.82 5.36
C PRO B 189 24.38 -9.91 6.31
N SER B 190 24.62 -10.38 7.53
CA SER B 190 25.38 -9.57 8.50
C SER B 190 26.82 -9.34 8.04
N SER B 191 27.33 -10.22 7.19
CA SER B 191 28.65 -10.02 6.58
C SER B 191 28.66 -8.82 5.65
N SER B 192 27.51 -8.52 5.02
CA SER B 192 27.34 -7.38 4.11
C SER B 192 27.71 -6.05 4.76
N LEU B 193 27.49 -5.98 6.07
CA LEU B 193 27.59 -4.73 6.84
C LEU B 193 28.93 -4.04 6.69
N GLY B 194 29.99 -4.82 6.48
CA GLY B 194 31.33 -4.28 6.36
C GLY B 194 31.68 -3.66 5.02
N THR B 195 31.04 -4.10 3.94
CA THR B 195 31.38 -3.57 2.62
C THR B 195 30.25 -2.85 1.91
N GLN B 196 29.01 -3.13 2.31
CA GLN B 196 27.86 -2.56 1.62
C GLN B 196 27.34 -1.38 2.43
N THR B 197 27.10 -0.28 1.72
CA THR B 197 26.45 0.89 2.31
C THR B 197 24.95 0.73 2.13
N TYR B 198 24.20 1.01 3.19
CA TYR B 198 22.75 0.90 3.13
C TYR B 198 22.13 2.27 3.33
N ILE B 199 21.31 2.69 2.35
CA ILE B 199 20.77 4.04 2.31
C ILE B 199 19.27 3.98 2.03
N CYS B 200 18.46 4.58 2.90
CA CYS B 200 17.03 4.70 2.57
C CYS B 200 16.75 6.01 1.84
N ASN B 201 16.11 5.89 0.70
CA ASN B 201 15.77 7.06 -0.11
C ASN B 201 14.32 7.41 0.21
N VAL B 202 14.12 8.53 0.88
CA VAL B 202 12.78 8.94 1.34
C VAL B 202 12.31 10.15 0.53
N ASN B 203 11.06 10.10 0.08
CA ASN B 203 10.45 11.15 -0.71
C ASN B 203 9.04 11.41 -0.15
N HIS B 204 8.81 12.61 0.37
CA HIS B 204 7.45 13.05 0.78
C HIS B 204 7.19 14.27 -0.09
N LYS B 205 6.56 14.03 -1.23
CA LYS B 205 6.42 15.09 -2.22
C LYS B 205 5.65 16.35 -1.71
N PRO B 206 4.55 16.18 -0.94
CA PRO B 206 3.86 17.38 -0.43
C PRO B 206 4.78 18.46 0.17
N SER B 207 5.78 18.07 0.98
CA SER B 207 6.71 19.03 1.61
C SER B 207 8.01 19.27 0.86
N ASN B 208 8.14 18.70 -0.34
CA ASN B 208 9.37 18.75 -1.13
C ASN B 208 10.55 18.14 -0.40
N THR B 209 10.29 17.13 0.40
CA THR B 209 11.34 16.44 1.12
C THR B 209 11.89 15.30 0.27
N LYS B 210 13.18 15.35 -0.02
CA LYS B 210 13.84 14.24 -0.67
C LYS B 210 15.14 14.01 0.09
N VAL B 211 15.19 12.87 0.78
CA VAL B 211 16.18 12.62 1.80
C VAL B 211 16.79 11.22 1.58
N ASP B 212 18.12 11.15 1.63
CA ASP B 212 18.82 9.88 1.62
C ASP B 212 19.55 9.74 2.94
N LYS B 213 19.25 8.65 3.66
CA LYS B 213 19.83 8.45 4.97
C LYS B 213 20.64 7.18 4.96
N LYS B 214 21.94 7.32 5.23
CA LYS B 214 22.86 6.19 5.37
C LYS B 214 22.67 5.61 6.76
N VAL B 215 22.41 4.30 6.81
CA VAL B 215 22.18 3.59 8.03
C VAL B 215 23.46 2.82 8.36
N GLU B 216 24.14 3.25 9.40
CA GLU B 216 25.42 2.64 9.78
C GLU B 216 25.25 1.63 10.91
N PRO B 217 26.03 0.54 10.89
CA PRO B 217 25.98 -0.46 11.95
C PRO B 217 26.44 0.09 13.29
N LYS B 218 25.90 -0.50 14.36
CA LYS B 218 26.33 -0.19 15.71
C LYS B 218 26.87 -1.47 16.36
N SER B 219 28.02 -1.33 17.02
CA SER B 219 28.73 -2.46 17.64
C SER B 219 28.06 -3.00 18.89
N CYS B 220 27.52 -2.09 19.70
CA CYS B 220 27.11 -2.37 21.07
C CYS B 220 28.30 -3.04 21.78
N HIS B 221 28.07 -4.15 22.48
CA HIS B 221 29.16 -4.84 23.20
C HIS B 221 29.48 -6.21 22.58
N HIS B 222 29.25 -6.33 21.28
CA HIS B 222 29.34 -7.62 20.57
C HIS B 222 30.73 -8.24 20.59
N HIS B 223 31.76 -7.40 20.61
CA HIS B 223 33.15 -7.89 20.61
C HIS B 223 33.63 -8.37 21.99
N HIS B 224 32.79 -8.21 23.01
CA HIS B 224 33.20 -8.40 24.40
C HIS B 224 32.96 -9.83 24.90
C1 GOL C . -2.31 -6.72 20.74
O1 GOL C . -2.52 -7.95 20.07
C2 GOL C . -0.91 -6.72 21.36
O2 GOL C . 0.04 -6.91 20.35
C3 GOL C . -0.64 -5.37 22.05
O3 GOL C . -0.39 -5.60 23.42
CO CO D . 30.83 -4.98 27.27
#